data_2FGR
#
_entry.id   2FGR
#
_cell.length_a   106.410
_cell.length_b   106.410
_cell.length_c   93.790
_cell.angle_alpha   90.00
_cell.angle_beta   90.00
_cell.angle_gamma   120.00
#
_symmetry.space_group_name_H-M   'P 63'
#
loop_
_entity.id
_entity.type
_entity.pdbx_description
1 polymer 'Outer membrane porin protein 32'
2 polymer PAP
3 non-polymer 'CALCIUM ION'
4 non-polymer 'SULFATE ION'
5 water water
#
loop_
_entity_poly.entity_id
_entity_poly.type
_entity_poly.pdbx_seq_one_letter_code
_entity_poly.pdbx_strand_id
1 'polypeptide(L)'
;ESSVTLFGIVDTNVAYVNKDAAGDSRYGLGTSGASTSRLGLRGTEDLGGGLKAGFWLEGEIFGDDGNASGFNFKRRSTVS
LSGNFGEVRLGRDLVPTSQKLTSYDLFSATGIGPFMGFRNWAAGQGADDNGIRANNLISYYTPNFGGFNAGFGYAFDEKQ
TIGTADSVGRYIGGYVAYDNGPLSASLGLAQQKTAVGGLATDRDEITLGASYNFGVAKLSGLLQQTKFKRDIGGDIKTNS
YMLGASAPVGGVGEVKLQYALYDQKAIDSKAHQITLGYVHNLSKRTALYGNLAFLKNKDASTLGLQAKGVYAGGVQAGES
QTGVQVGIRHAF
;
A
2 'polypeptide(L)' DNWQNGTS B
#
loop_
_chem_comp.id
_chem_comp.type
_chem_comp.name
_chem_comp.formula
CA non-polymer 'CALCIUM ION' 'Ca 2'
SO4 non-polymer 'SULFATE ION' 'O4 S -2'
#
# COMPACT_ATOMS: atom_id res chain seq x y z
N GLU A 1 -4.38 -31.54 -0.52
CA GLU A 1 -4.28 -30.15 -0.06
C GLU A 1 -3.29 -29.36 -0.94
N SER A 2 -3.01 -29.83 -2.14
CA SER A 2 -2.15 -29.04 -3.05
C SER A 2 -3.01 -28.42 -4.14
N SER A 3 -2.61 -27.25 -4.63
CA SER A 3 -3.33 -26.57 -5.68
C SER A 3 -2.44 -25.56 -6.39
N VAL A 4 -2.90 -25.15 -7.57
CA VAL A 4 -2.30 -24.05 -8.32
C VAL A 4 -3.42 -23.17 -8.83
N THR A 5 -3.21 -21.86 -8.71
CA THR A 5 -4.22 -20.86 -8.99
C THR A 5 -3.67 -19.75 -9.89
N LEU A 6 -4.41 -19.45 -10.95
CA LEU A 6 -4.16 -18.31 -11.82
C LEU A 6 -5.29 -17.30 -11.57
N PHE A 7 -4.94 -16.08 -11.19
CA PHE A 7 -5.90 -15.13 -10.62
C PHE A 7 -5.57 -13.70 -11.02
N GLY A 8 -6.54 -12.81 -10.81
CA GLY A 8 -6.26 -11.41 -11.05
C GLY A 8 -7.43 -10.52 -10.76
N ILE A 9 -7.21 -9.24 -11.04
CA ILE A 9 -8.24 -8.21 -10.93
C ILE A 9 -8.01 -7.22 -12.06
N VAL A 10 -9.07 -6.89 -12.80
CA VAL A 10 -9.04 -5.73 -13.69
C VAL A 10 -9.98 -4.68 -13.09
N ASP A 11 -9.37 -3.56 -12.67
CA ASP A 11 -10.11 -2.44 -12.09
C ASP A 11 -9.76 -1.23 -12.95
N THR A 12 -10.74 -0.74 -13.70
CA THR A 12 -10.58 0.40 -14.60
C THR A 12 -11.70 1.39 -14.37
N ASN A 13 -11.39 2.67 -14.54
CA ASN A 13 -12.26 3.77 -14.10
C ASN A 13 -12.16 4.92 -15.07
N VAL A 14 -13.13 5.80 -15.01
CA VAL A 14 -12.97 7.15 -15.52
C VAL A 14 -12.63 8.00 -14.27
N ALA A 15 -11.76 8.96 -14.45
CA ALA A 15 -11.32 9.81 -13.36
C ALA A 15 -11.10 11.25 -13.81
N TYR A 16 -11.18 12.14 -12.84
CA TYR A 16 -11.07 13.57 -13.04
C TYR A 16 -10.35 14.16 -11.82
N VAL A 17 -9.45 15.11 -12.07
CA VAL A 17 -8.97 16.01 -11.02
C VAL A 17 -9.13 17.43 -11.54
N ASN A 18 -9.45 18.35 -10.64
CA ASN A 18 -9.73 19.72 -11.11
C ASN A 18 -8.49 20.54 -11.37
N LYS A 19 -7.35 20.07 -10.90
CA LYS A 19 -6.09 20.74 -11.19
C LYS A 19 -4.89 19.84 -11.17
N ASP A 20 -3.94 20.21 -12.01
CA ASP A 20 -2.64 19.58 -12.08
C ASP A 20 -1.57 20.61 -11.65
N ALA A 21 -0.30 20.35 -11.96
CA ALA A 21 0.75 21.22 -11.44
C ALA A 21 0.72 22.60 -12.13
N ALA A 22 0.01 22.71 -13.25
CA ALA A 22 -0.20 23.98 -13.95
C ALA A 22 -1.58 24.59 -13.68
N GLY A 23 -2.39 23.93 -12.86
CA GLY A 23 -3.68 24.44 -12.49
C GLY A 23 -4.81 24.08 -13.46
N ASP A 24 -4.53 23.17 -14.40
CA ASP A 24 -5.52 22.73 -15.37
C ASP A 24 -6.16 21.40 -14.95
N SER A 25 -7.45 21.24 -15.23
CA SER A 25 -8.13 19.98 -14.99
C SER A 25 -7.64 18.88 -15.91
N ARG A 26 -7.83 17.65 -15.45
CA ARG A 26 -7.47 16.49 -16.24
C ARG A 26 -8.49 15.41 -16.02
N TYR A 27 -8.79 14.71 -17.08
CA TYR A 27 -9.71 13.61 -16.96
C TYR A 27 -9.34 12.54 -17.97
N GLY A 28 -9.77 11.32 -17.68
CA GLY A 28 -9.38 10.26 -18.54
C GLY A 28 -9.80 8.90 -18.01
N LEU A 29 -9.22 7.87 -18.59
CA LEU A 29 -9.46 6.48 -18.19
C LEU A 29 -8.26 6.09 -17.36
N GLY A 30 -8.51 5.71 -16.13
CA GLY A 30 -7.45 5.26 -15.24
C GLY A 30 -7.72 3.86 -14.73
N THR A 31 -6.99 3.47 -13.69
CA THR A 31 -7.01 2.12 -13.17
C THR A 31 -6.97 2.08 -11.68
N SER A 32 -7.37 0.94 -11.15
CA SER A 32 -7.05 0.57 -9.78
C SER A 32 -7.58 1.56 -8.74
N GLY A 33 -8.86 1.87 -8.87
CA GLY A 33 -9.51 2.79 -7.93
C GLY A 33 -10.02 2.15 -6.66
N ALA A 34 -10.40 0.88 -6.73
CA ALA A 34 -10.95 0.14 -5.58
C ALA A 34 -9.99 -0.95 -5.10
N SER A 35 -9.37 -1.66 -6.04
CA SER A 35 -8.29 -2.61 -5.70
C SER A 35 -7.25 -2.51 -6.80
N THR A 36 -5.99 -2.74 -6.47
CA THR A 36 -4.98 -2.68 -7.49
C THR A 36 -5.20 -3.80 -8.51
N SER A 37 -5.24 -3.42 -9.79
CA SER A 37 -5.36 -4.38 -10.88
C SER A 37 -4.09 -5.27 -10.90
N ARG A 38 -4.28 -6.56 -11.12
CA ARG A 38 -3.17 -7.48 -11.00
C ARG A 38 -3.44 -8.77 -11.80
N LEU A 39 -2.37 -9.52 -12.01
CA LEU A 39 -2.39 -10.83 -12.63
C LEU A 39 -1.35 -11.64 -11.90
N GLY A 40 -1.72 -12.83 -11.45
CA GLY A 40 -0.78 -13.65 -10.71
C GLY A 40 -1.02 -15.13 -10.80
N LEU A 41 -0.01 -15.85 -10.35
CA LEU A 41 -0.02 -17.29 -10.21
C LEU A 41 0.47 -17.62 -8.80
N ARG A 42 -0.17 -18.57 -8.15
CA ARG A 42 0.26 -18.98 -6.82
C ARG A 42 -0.07 -20.44 -6.66
N GLY A 43 0.54 -21.04 -5.66
CA GLY A 43 0.32 -22.45 -5.41
C GLY A 43 0.72 -22.77 -4.00
N THR A 44 0.15 -23.87 -3.51
CA THR A 44 0.51 -24.45 -2.24
C THR A 44 0.67 -25.96 -2.46
N GLU A 45 1.76 -26.52 -1.95
CA GLU A 45 2.03 -27.93 -2.08
C GLU A 45 2.14 -28.51 -0.66
N ASP A 46 1.28 -29.46 -0.35
CA ASP A 46 1.32 -30.19 0.94
C ASP A 46 2.50 -31.16 0.95
N LEU A 47 3.46 -30.96 1.85
CA LEU A 47 4.68 -31.78 1.91
C LEU A 47 4.56 -32.88 2.96
N GLY A 48 3.48 -32.86 3.71
CA GLY A 48 3.29 -33.81 4.80
C GLY A 48 3.70 -33.20 6.12
N GLY A 49 3.14 -33.74 7.21
CA GLY A 49 3.45 -33.24 8.54
C GLY A 49 3.08 -31.78 8.80
N GLY A 50 2.12 -31.23 8.09
CA GLY A 50 1.78 -29.83 8.28
C GLY A 50 2.70 -28.84 7.57
N LEU A 51 3.74 -29.34 6.91
CA LEU A 51 4.66 -28.49 6.14
C LEU A 51 4.12 -28.29 4.70
N LYS A 52 4.19 -27.04 4.22
CA LYS A 52 3.72 -26.67 2.90
C LYS A 52 4.78 -25.82 2.20
N ALA A 53 4.88 -26.00 0.90
CA ALA A 53 5.71 -25.12 0.06
C ALA A 53 4.78 -24.31 -0.78
N GLY A 54 5.12 -23.05 -0.94
CA GLY A 54 4.30 -22.13 -1.71
C GLY A 54 5.15 -21.34 -2.73
N PHE A 55 4.46 -20.81 -3.73
CA PHE A 55 5.03 -19.79 -4.61
C PHE A 55 3.93 -18.79 -4.92
N TRP A 56 4.35 -17.61 -5.35
CA TRP A 56 3.43 -16.52 -5.62
C TRP A 56 4.13 -15.52 -6.53
N LEU A 57 3.58 -15.34 -7.72
CA LEU A 57 4.11 -14.43 -8.75
C LEU A 57 2.98 -13.53 -9.17
N GLU A 58 3.12 -12.23 -8.89
CA GLU A 58 2.03 -11.29 -9.16
C GLU A 58 2.56 -9.96 -9.66
N GLY A 59 1.97 -9.45 -10.74
CA GLY A 59 2.28 -8.13 -11.26
C GLY A 59 1.05 -7.27 -11.50
N GLU A 60 1.27 -5.98 -11.52
CA GLU A 60 0.21 -5.01 -11.72
C GLU A 60 -0.24 -5.01 -13.18
N ILE A 61 -1.55 -4.80 -13.37
CA ILE A 61 -2.15 -4.63 -14.68
C ILE A 61 -2.56 -3.16 -14.84
N PHE A 62 -2.33 -2.65 -16.02
CA PHE A 62 -2.72 -1.30 -16.41
C PHE A 62 -3.65 -1.38 -17.62
N GLY A 63 -4.94 -1.51 -17.37
CA GLY A 63 -5.89 -1.79 -18.45
C GLY A 63 -6.10 -0.63 -19.40
N ASP A 64 -5.79 0.59 -18.98
CA ASP A 64 -5.94 1.71 -19.87
C ASP A 64 -4.91 1.76 -21.01
N ASP A 65 -3.75 1.13 -20.84
CA ASP A 65 -2.70 1.13 -21.87
C ASP A 65 -2.13 -0.22 -22.21
N GLY A 66 -2.78 -1.28 -21.74
CA GLY A 66 -2.31 -2.62 -22.01
C GLY A 66 -0.94 -2.96 -21.51
N ASN A 67 -0.60 -2.44 -20.34
CA ASN A 67 0.73 -2.68 -19.76
C ASN A 67 1.81 -2.27 -20.76
N ALA A 68 1.65 -1.08 -21.32
CA ALA A 68 2.52 -0.62 -22.43
C ALA A 68 4.00 -0.66 -22.05
N SER A 69 4.30 -0.44 -20.77
CA SER A 69 5.73 -0.47 -20.39
C SER A 69 6.28 -1.86 -20.04
N GLY A 70 5.42 -2.86 -20.12
CA GLY A 70 5.84 -4.26 -20.07
C GLY A 70 5.36 -4.85 -18.78
N PHE A 71 4.92 -6.09 -18.79
CA PHE A 71 4.44 -6.81 -17.63
C PHE A 71 5.61 -7.38 -16.83
N ASN A 72 5.48 -7.35 -15.50
CA ASN A 72 6.51 -7.87 -14.59
C ASN A 72 5.82 -8.54 -13.40
N PHE A 73 6.59 -9.02 -12.44
CA PHE A 73 6.06 -9.61 -11.22
C PHE A 73 6.49 -8.80 -9.99
N LYS A 74 6.45 -7.49 -10.12
CA LYS A 74 6.96 -6.63 -9.08
C LYS A 74 6.08 -6.53 -7.85
N ARG A 75 4.84 -6.98 -7.91
CA ARG A 75 4.01 -6.96 -6.72
C ARG A 75 4.43 -8.00 -5.70
N ARG A 76 4.74 -9.20 -6.17
CA ARG A 76 5.21 -10.28 -5.31
C ARG A 76 5.83 -11.37 -6.18
N SER A 77 6.97 -11.89 -5.78
CA SER A 77 7.59 -13.00 -6.50
C SER A 77 8.35 -13.85 -5.50
N THR A 78 7.60 -14.61 -4.73
CA THR A 78 8.12 -15.36 -3.63
C THR A 78 8.02 -16.87 -3.77
N VAL A 79 8.90 -17.51 -3.00
CA VAL A 79 8.78 -18.93 -2.71
C VAL A 79 8.85 -19.03 -1.18
N SER A 80 8.11 -19.97 -0.63
CA SER A 80 7.96 -20.05 0.81
C SER A 80 7.81 -21.43 1.34
N LEU A 81 8.09 -21.56 2.64
CA LEU A 81 7.78 -22.77 3.39
C LEU A 81 6.95 -22.33 4.57
N SER A 82 5.90 -23.07 4.88
CA SER A 82 5.04 -22.73 5.99
C SER A 82 4.71 -23.99 6.76
N GLY A 83 4.29 -23.80 7.99
CA GLY A 83 4.01 -24.94 8.84
C GLY A 83 3.54 -24.46 10.18
N ASN A 84 3.58 -25.33 11.19
CA ASN A 84 3.14 -24.89 12.51
C ASN A 84 4.05 -23.82 13.13
N PHE A 85 5.26 -23.64 12.57
CA PHE A 85 6.19 -22.59 12.95
C PHE A 85 5.87 -21.18 12.39
N GLY A 86 4.94 -21.11 11.44
CA GLY A 86 4.65 -19.87 10.76
C GLY A 86 5.04 -20.00 9.29
N GLU A 87 5.63 -18.95 8.73
CA GLU A 87 5.92 -18.93 7.30
C GLU A 87 7.18 -18.15 7.06
N VAL A 88 8.04 -18.65 6.19
CA VAL A 88 9.22 -17.94 5.72
C VAL A 88 9.09 -17.75 4.21
N ARG A 89 9.26 -16.51 3.75
CA ARG A 89 9.16 -16.20 2.31
C ARG A 89 10.45 -15.58 1.83
N LEU A 90 10.89 -15.98 0.65
CA LEU A 90 12.03 -15.38 -0.02
C LEU A 90 11.55 -14.73 -1.32
N GLY A 91 11.94 -13.48 -1.55
CA GLY A 91 11.67 -12.80 -2.80
C GLY A 91 11.03 -11.46 -2.57
N ARG A 92 10.94 -10.70 -3.64
CA ARG A 92 10.29 -9.40 -3.63
C ARG A 92 8.85 -9.52 -3.17
N ASP A 93 8.47 -8.64 -2.27
CA ASP A 93 7.13 -8.64 -1.69
C ASP A 93 6.93 -7.32 -0.96
N LEU A 94 5.72 -7.10 -0.48
CA LEU A 94 5.50 -6.12 0.56
C LEU A 94 6.38 -6.46 1.74
N VAL A 95 7.03 -5.45 2.31
CA VAL A 95 7.75 -5.65 3.56
C VAL A 95 6.72 -5.84 4.68
N PRO A 96 7.09 -6.51 5.76
CA PRO A 96 6.09 -6.83 6.81
C PRO A 96 5.39 -5.60 7.37
N THR A 97 6.11 -4.50 7.54
CA THR A 97 5.51 -3.30 8.05
C THR A 97 4.37 -2.77 7.17
N SER A 98 4.58 -2.68 5.88
CA SER A 98 3.53 -2.23 5.00
C SER A 98 2.44 -3.27 4.82
N GLN A 99 2.80 -4.54 4.75
CA GLN A 99 1.82 -5.60 4.54
C GLN A 99 0.77 -5.56 5.64
N LYS A 100 1.23 -5.41 6.86
CA LYS A 100 0.32 -5.39 8.00
C LYS A 100 -0.38 -4.04 8.19
N LEU A 101 0.37 -2.96 8.14
CA LEU A 101 -0.20 -1.66 8.49
C LEU A 101 -1.12 -1.08 7.40
N THR A 102 -0.88 -1.40 6.12
CA THR A 102 -1.78 -0.91 5.08
C THR A 102 -3.16 -1.54 5.19
N SER A 103 -3.30 -2.61 5.99
CA SER A 103 -4.62 -3.24 6.14
C SER A 103 -5.61 -2.31 6.86
N TYR A 104 -5.11 -1.27 7.51
CA TYR A 104 -5.96 -0.33 8.26
C TYR A 104 -6.56 0.76 7.39
N ASP A 105 -6.09 0.87 6.16
CA ASP A 105 -6.58 1.82 5.17
C ASP A 105 -7.84 1.27 4.54
N LEU A 106 -8.94 1.99 4.67
CA LEU A 106 -10.20 1.50 4.16
C LEU A 106 -10.32 1.50 2.63
N PHE A 107 -9.43 2.23 1.98
CA PHE A 107 -9.41 2.35 0.51
C PHE A 107 -8.38 1.40 -0.11
N SER A 108 -7.91 0.43 0.68
CA SER A 108 -7.05 -0.66 0.17
C SER A 108 -5.77 -0.13 -0.46
N ALA A 109 -5.30 1.02 0.04
CA ALA A 109 -4.03 1.60 -0.34
C ALA A 109 -3.97 1.85 -1.84
N THR A 110 -5.11 2.14 -2.42
CA THR A 110 -5.14 2.44 -3.85
C THR A 110 -6.19 3.48 -4.15
N GLY A 111 -6.12 4.07 -5.34
CA GLY A 111 -7.09 5.05 -5.77
C GLY A 111 -6.76 6.42 -5.24
N ILE A 112 -7.72 7.32 -5.32
CA ILE A 112 -7.52 8.70 -4.77
C ILE A 112 -7.72 8.80 -3.24
N GLY A 113 -8.35 7.83 -2.64
CA GLY A 113 -8.71 7.95 -1.24
C GLY A 113 -7.73 7.53 -0.18
N PRO A 114 -6.64 6.83 -0.47
CA PRO A 114 -5.98 6.11 0.59
C PRO A 114 -5.01 6.96 1.38
N PHE A 115 -4.62 6.38 2.49
CA PHE A 115 -3.55 6.93 3.36
C PHE A 115 -2.29 7.08 2.51
N MET A 116 -1.63 8.23 2.63
CA MET A 116 -0.46 8.55 1.81
C MET A 116 0.85 8.44 2.60
N GLY A 117 0.83 7.92 3.82
CA GLY A 117 2.03 7.89 4.63
C GLY A 117 3.19 7.13 4.04
N PHE A 118 2.89 6.01 3.40
CA PHE A 118 3.93 5.20 2.74
C PHE A 118 4.26 5.83 1.40
N ARG A 119 5.08 6.88 1.44
CA ARG A 119 5.50 7.55 0.23
C ARG A 119 6.92 8.09 0.41
N ASN A 120 7.52 8.48 -0.69
CA ASN A 120 8.89 8.98 -0.70
C ASN A 120 8.90 10.49 -0.39
N TRP A 121 8.76 10.81 0.88
CA TRP A 121 8.63 12.19 1.31
C TRP A 121 9.86 13.05 1.04
N ALA A 122 11.03 12.41 0.90
CA ALA A 122 12.29 13.13 0.84
C ALA A 122 12.98 13.08 -0.51
N ALA A 123 12.31 12.52 -1.51
CA ALA A 123 12.97 12.25 -2.81
C ALA A 123 14.22 11.42 -2.62
N GLY A 124 14.12 10.42 -1.78
CA GLY A 124 15.13 9.40 -1.72
C GLY A 124 15.35 8.75 -3.09
N GLN A 125 16.57 8.29 -3.28
CA GLN A 125 17.05 7.75 -4.55
C GLN A 125 16.99 6.20 -4.69
N GLY A 126 16.51 5.54 -3.66
CA GLY A 126 16.32 4.10 -3.69
C GLY A 126 15.11 3.67 -4.55
N ALA A 127 15.10 2.40 -4.88
CA ALA A 127 14.01 1.86 -5.69
C ALA A 127 12.66 1.88 -4.99
N ASP A 128 12.68 1.75 -3.67
CA ASP A 128 11.45 1.53 -2.87
C ASP A 128 11.43 2.45 -1.64
N ASP A 129 11.64 3.74 -1.89
CA ASP A 129 11.67 4.73 -0.79
C ASP A 129 10.31 5.20 -0.37
N ASN A 130 9.25 4.59 -0.90
CA ASN A 130 7.96 4.64 -0.26
C ASN A 130 7.70 3.66 0.88
N GLY A 131 8.68 2.79 1.16
CA GLY A 131 8.54 1.81 2.23
C GLY A 131 7.55 0.69 2.04
N ILE A 132 7.11 0.50 0.80
CA ILE A 132 6.07 -0.51 0.56
C ILE A 132 6.62 -1.92 0.29
N ARG A 133 7.47 -2.04 -0.72
CA ARG A 133 8.03 -3.31 -1.10
C ARG A 133 9.55 -3.25 -1.02
N ALA A 134 10.19 -4.42 -1.04
CA ALA A 134 11.64 -4.48 -1.16
C ALA A 134 12.08 -5.60 -2.08
N ASN A 135 13.13 -5.35 -2.86
CA ASN A 135 13.90 -6.42 -3.50
C ASN A 135 14.69 -7.23 -2.47
N ASN A 136 15.05 -8.46 -2.79
CA ASN A 136 16.02 -9.17 -2.01
C ASN A 136 15.57 -9.43 -0.57
N LEU A 137 14.27 -9.65 -0.40
CA LEU A 137 13.63 -9.74 0.90
C LEU A 137 13.49 -11.15 1.43
N ILE A 138 13.81 -11.34 2.71
CA ILE A 138 13.43 -12.53 3.45
C ILE A 138 12.51 -12.11 4.58
N SER A 139 11.38 -12.78 4.71
CA SER A 139 10.43 -12.45 5.76
C SER A 139 10.02 -13.68 6.52
N TYR A 140 9.69 -13.47 7.79
CA TYR A 140 9.18 -14.49 8.67
C TYR A 140 7.92 -13.96 9.35
N TYR A 141 6.87 -14.74 9.25
CA TYR A 141 5.59 -14.46 9.86
C TYR A 141 5.25 -15.58 10.86
N THR A 142 4.96 -15.18 12.08
CA THR A 142 4.57 -16.12 13.12
C THR A 142 3.14 -16.58 12.88
N PRO A 143 2.75 -17.69 13.53
CA PRO A 143 1.34 -17.98 13.66
C PRO A 143 0.67 -16.93 14.57
N ASN A 144 -0.64 -16.96 14.58
CA ASN A 144 -1.46 -16.17 15.50
C ASN A 144 -1.81 -17.10 16.66
N PHE A 145 -1.26 -16.77 17.81
CA PHE A 145 -1.50 -17.54 19.05
C PHE A 145 -2.24 -16.63 20.04
N GLY A 146 -3.51 -16.96 20.27
CA GLY A 146 -4.32 -16.19 21.20
C GLY A 146 -4.50 -14.76 20.78
N GLY A 147 -4.49 -14.50 19.47
CA GLY A 147 -4.55 -13.15 18.96
C GLY A 147 -3.22 -12.55 18.57
N PHE A 148 -2.14 -12.92 19.24
CA PHE A 148 -0.87 -12.25 19.05
C PHE A 148 -0.16 -12.81 17.83
N ASN A 149 0.44 -11.92 17.08
CA ASN A 149 1.13 -12.29 15.86
C ASN A 149 2.19 -11.25 15.52
N ALA A 150 3.18 -11.66 14.75
CA ALA A 150 4.30 -10.77 14.45
C ALA A 150 4.87 -11.13 13.13
N GLY A 151 5.60 -10.18 12.58
CA GLY A 151 6.29 -10.37 11.30
C GLY A 151 7.60 -9.60 11.29
N PHE A 152 8.59 -10.15 10.60
CA PHE A 152 9.95 -9.62 10.55
C PHE A 152 10.54 -9.79 9.16
N GLY A 153 11.29 -8.80 8.70
CA GLY A 153 11.90 -8.91 7.40
C GLY A 153 13.27 -8.27 7.37
N TYR A 154 14.09 -8.79 6.47
CA TYR A 154 15.41 -8.26 6.16
C TYR A 154 15.56 -8.30 4.66
N ALA A 155 15.89 -7.17 4.06
CA ALA A 155 16.22 -7.12 2.64
C ALA A 155 17.68 -6.69 2.46
N PHE A 156 18.40 -7.45 1.67
CA PHE A 156 19.80 -7.24 1.36
C PHE A 156 20.00 -6.06 0.41
N ASP A 157 20.95 -5.19 0.74
CA ASP A 157 21.33 -4.09 -0.15
C ASP A 157 22.20 -4.51 -1.31
N GLU A 158 22.98 -5.57 -1.09
CA GLU A 158 23.88 -6.11 -2.12
C GLU A 158 24.87 -5.06 -2.64
N LYS A 159 25.26 -4.17 -1.74
CA LYS A 159 26.26 -3.11 -2.01
C LYS A 159 25.79 -2.11 -3.11
N GLN A 160 24.48 -1.96 -3.30
CA GLN A 160 23.98 -0.92 -4.17
C GLN A 160 24.49 0.41 -3.67
N THR A 161 25.15 1.14 -4.56
CA THR A 161 25.81 2.36 -4.22
C THR A 161 25.34 3.56 -5.00
N ILE A 162 24.96 4.60 -4.25
CA ILE A 162 24.55 5.88 -4.80
C ILE A 162 25.26 6.92 -3.98
N GLY A 163 26.19 7.64 -4.59
CA GLY A 163 26.94 8.65 -3.86
C GLY A 163 27.64 8.05 -2.68
N THR A 164 27.47 8.63 -1.49
CA THR A 164 28.15 8.13 -0.31
C THR A 164 27.43 6.98 0.41
N ALA A 165 26.29 6.51 -0.14
CA ALA A 165 25.58 5.38 0.39
C ALA A 165 25.98 4.12 -0.34
N ASP A 166 26.53 3.17 0.40
CA ASP A 166 26.92 1.88 -0.19
C ASP A 166 26.09 0.70 0.26
N SER A 167 24.91 0.98 0.85
CA SER A 167 23.99 -0.07 1.23
C SER A 167 22.55 0.30 0.88
N VAL A 168 22.37 0.96 -0.26
CA VAL A 168 21.06 1.43 -0.68
C VAL A 168 20.11 0.24 -0.85
N GLY A 169 18.91 0.37 -0.30
CA GLY A 169 17.93 -0.68 -0.45
C GLY A 169 17.83 -1.65 0.73
N ARG A 170 18.78 -1.59 1.66
CA ARG A 170 18.66 -2.41 2.86
C ARG A 170 17.35 -2.11 3.58
N TYR A 171 16.65 -3.15 4.03
CA TYR A 171 15.51 -3.01 4.92
C TYR A 171 15.70 -3.89 6.12
N ILE A 172 15.34 -3.35 7.28
CA ILE A 172 15.19 -4.16 8.48
C ILE A 172 13.94 -3.68 9.17
N GLY A 173 13.05 -4.57 9.52
CA GLY A 173 11.77 -4.11 10.05
C GLY A 173 10.87 -5.21 10.51
N GLY A 174 9.84 -4.84 11.27
CA GLY A 174 8.89 -5.82 11.70
C GLY A 174 7.76 -5.19 12.46
N TYR A 175 6.82 -6.03 12.85
CA TYR A 175 5.69 -5.57 13.62
C TYR A 175 5.31 -6.60 14.66
N VAL A 176 4.62 -6.10 15.66
CA VAL A 176 3.84 -6.91 16.60
C VAL A 176 2.38 -6.50 16.52
N ALA A 177 1.49 -7.46 16.71
CA ALA A 177 0.09 -7.22 16.55
C ALA A 177 -0.78 -8.11 17.38
N TYR A 178 -2.02 -7.68 17.47
CA TYR A 178 -3.10 -8.44 18.10
C TYR A 178 -4.28 -8.40 17.16
N ASP A 179 -4.76 -9.58 16.82
CA ASP A 179 -5.89 -9.74 15.91
C ASP A 179 -6.77 -10.87 16.40
N ASN A 180 -7.99 -10.54 16.81
CA ASN A 180 -8.92 -11.55 17.30
C ASN A 180 -10.19 -11.71 16.46
N GLY A 181 -10.24 -11.08 15.28
CA GLY A 181 -11.44 -11.03 14.45
C GLY A 181 -11.93 -9.59 14.41
N PRO A 182 -12.77 -9.19 15.35
CA PRO A 182 -13.26 -7.80 15.31
C PRO A 182 -12.23 -6.70 15.63
N LEU A 183 -11.29 -7.03 16.50
CA LEU A 183 -10.28 -6.09 16.95
C LEU A 183 -8.97 -6.39 16.31
N SER A 184 -8.31 -5.36 15.84
CA SER A 184 -6.96 -5.46 15.28
C SER A 184 -6.14 -4.27 15.71
N ALA A 185 -4.90 -4.52 16.12
CA ALA A 185 -3.98 -3.42 16.39
C ALA A 185 -2.55 -3.89 16.11
N SER A 186 -1.73 -3.00 15.57
CA SER A 186 -0.38 -3.33 15.17
C SER A 186 0.59 -2.17 15.38
N LEU A 187 1.82 -2.48 15.71
CA LEU A 187 2.91 -1.51 15.78
C LEU A 187 4.02 -1.99 14.91
N GLY A 188 4.41 -1.18 13.93
CA GLY A 188 5.48 -1.51 13.01
C GLY A 188 6.66 -0.56 13.19
N LEU A 189 7.87 -1.06 12.99
CA LEU A 189 9.10 -0.26 13.02
C LEU A 189 10.01 -0.73 11.92
N ALA A 190 10.61 0.20 11.18
CA ALA A 190 11.44 -0.15 10.06
C ALA A 190 12.52 0.89 9.82
N GLN A 191 13.63 0.43 9.27
CA GLN A 191 14.69 1.29 8.77
C GLN A 191 15.15 0.80 7.40
N GLN A 192 15.20 1.70 6.43
CA GLN A 192 15.82 1.47 5.14
C GLN A 192 17.03 2.35 4.98
N LYS A 193 17.99 1.85 4.22
CA LYS A 193 19.13 2.67 3.78
C LYS A 193 18.85 3.28 2.41
N THR A 194 19.14 4.55 2.29
CA THR A 194 18.99 5.26 1.06
C THR A 194 19.98 6.38 0.88
N ALA A 195 19.73 7.22 -0.12
CA ALA A 195 20.49 8.45 -0.34
C ALA A 195 19.54 9.51 -0.79
N VAL A 196 19.84 10.74 -0.40
CA VAL A 196 19.13 11.91 -0.85
C VAL A 196 20.16 12.87 -1.41
N GLY A 197 19.97 13.28 -2.65
CA GLY A 197 20.97 14.13 -3.33
C GLY A 197 22.38 13.58 -3.30
N GLY A 198 22.50 12.26 -3.33
CA GLY A 198 23.77 11.55 -3.32
C GLY A 198 24.43 11.40 -1.95
N LEU A 199 23.70 11.73 -0.89
CA LEU A 199 24.26 11.68 0.48
C LEU A 199 23.51 10.61 1.26
N ALA A 200 24.26 9.71 1.89
CA ALA A 200 23.69 8.59 2.66
C ALA A 200 22.69 9.07 3.70
N THR A 201 21.57 8.37 3.76
CA THR A 201 20.40 8.74 4.52
C THR A 201 19.68 7.51 5.01
N ASP A 202 19.24 7.55 6.27
CA ASP A 202 18.40 6.49 6.83
C ASP A 202 16.94 6.89 6.66
N ARG A 203 16.08 5.95 6.26
CA ARG A 203 14.66 6.16 6.25
C ARG A 203 14.08 5.36 7.42
N ASP A 204 13.66 6.07 8.45
CA ASP A 204 13.15 5.48 9.67
C ASP A 204 11.62 5.64 9.69
N GLU A 205 10.90 4.61 10.09
CA GLU A 205 9.43 4.67 10.03
C GLU A 205 8.86 3.92 11.22
N ILE A 206 7.95 4.57 11.93
CA ILE A 206 7.22 3.93 12.99
C ILE A 206 5.74 4.14 12.72
N THR A 207 4.96 3.08 12.83
CA THR A 207 3.55 3.12 12.41
C THR A 207 2.70 2.35 13.43
N LEU A 208 1.59 2.96 13.82
CA LEU A 208 0.61 2.33 14.69
C LEU A 208 -0.69 2.30 13.96
N GLY A 209 -1.37 1.17 14.00
CA GLY A 209 -2.68 1.04 13.37
C GLY A 209 -3.65 0.28 14.25
N ALA A 210 -4.91 0.61 14.16
CA ALA A 210 -5.94 -0.11 14.92
C ALA A 210 -7.28 -0.02 14.25
N SER A 211 -8.08 -1.05 14.44
CA SER A 211 -9.44 -1.04 13.95
C SER A 211 -10.36 -1.90 14.81
N TYR A 212 -11.65 -1.58 14.74
CA TYR A 212 -12.67 -2.40 15.38
C TYR A 212 -13.85 -2.50 14.47
N ASN A 213 -14.25 -3.73 14.18
CA ASN A 213 -15.38 -3.99 13.36
C ASN A 213 -16.60 -4.30 14.24
N PHE A 214 -17.49 -3.33 14.33
CA PHE A 214 -18.74 -3.47 15.09
C PHE A 214 -19.80 -4.29 14.33
N GLY A 215 -19.53 -4.69 13.09
CA GLY A 215 -20.51 -5.34 12.22
C GLY A 215 -21.35 -4.34 11.44
N VAL A 216 -22.10 -3.50 12.14
CA VAL A 216 -22.84 -2.44 11.48
C VAL A 216 -21.94 -1.38 10.86
N ALA A 217 -20.71 -1.29 11.38
CA ALA A 217 -19.71 -0.35 10.88
C ALA A 217 -18.35 -0.73 11.43
N LYS A 218 -17.30 -0.26 10.77
CA LYS A 218 -15.92 -0.48 11.20
C LYS A 218 -15.23 0.86 11.33
N LEU A 219 -14.47 1.02 12.39
CA LEU A 219 -13.64 2.18 12.64
C LEU A 219 -12.16 1.75 12.49
N SER A 220 -11.37 2.59 11.83
CA SER A 220 -9.97 2.24 11.59
C SER A 220 -9.12 3.51 11.59
N GLY A 221 -7.87 3.35 11.98
CA GLY A 221 -6.97 4.49 12.00
C GLY A 221 -5.51 4.10 11.88
N LEU A 222 -4.71 5.09 11.49
CA LEU A 222 -3.27 4.95 11.36
C LEU A 222 -2.57 6.22 11.87
N LEU A 223 -1.42 6.00 12.50
CA LEU A 223 -0.50 7.06 12.90
C LEU A 223 0.89 6.66 12.44
N GLN A 224 1.61 7.57 11.79
CA GLN A 224 2.95 7.22 11.33
C GLN A 224 3.92 8.38 11.41
N GLN A 225 5.15 8.12 11.81
CA GLN A 225 6.22 9.09 11.64
C GLN A 225 7.26 8.50 10.73
N THR A 226 7.58 9.23 9.65
CA THR A 226 8.62 8.84 8.73
C THR A 226 9.70 9.89 8.78
N LYS A 227 10.93 9.48 9.00
CA LYS A 227 12.06 10.43 9.11
C LYS A 227 13.17 9.97 8.20
N PHE A 228 13.55 10.82 7.25
CA PHE A 228 14.75 10.60 6.44
C PHE A 228 15.85 11.40 7.11
N LYS A 229 16.79 10.72 7.72
CA LYS A 229 17.85 11.33 8.52
C LYS A 229 19.17 11.17 7.77
N ARG A 230 19.68 12.28 7.29
CA ARG A 230 20.91 12.29 6.51
C ARG A 230 22.11 12.12 7.46
N ASP A 231 23.04 11.25 7.08
CA ASP A 231 24.20 10.95 7.93
C ASP A 231 24.98 12.21 8.34
N ILE A 232 25.21 13.14 7.41
CA ILE A 232 25.99 14.37 7.73
C ILE A 232 25.20 15.39 8.53
N GLY A 233 23.92 15.13 8.75
CA GLY A 233 23.04 16.04 9.46
C GLY A 233 21.87 16.46 8.62
N GLY A 234 20.76 16.75 9.27
CA GLY A 234 19.56 17.17 8.60
C GLY A 234 18.57 16.04 8.46
N ASP A 235 17.31 16.40 8.43
CA ASP A 235 16.26 15.39 8.33
C ASP A 235 15.01 15.93 7.72
N ILE A 236 14.29 15.07 7.01
CA ILE A 236 12.98 15.40 6.45
C ILE A 236 12.02 14.46 7.19
N LYS A 237 11.21 15.06 8.07
CA LYS A 237 10.31 14.34 8.96
C LYS A 237 8.88 14.67 8.60
N THR A 238 8.02 13.63 8.55
CA THR A 238 6.61 13.74 8.25
C THR A 238 5.81 12.92 9.22
N ASN A 239 4.80 13.54 9.81
CA ASN A 239 3.83 12.86 10.67
C ASN A 239 2.52 12.77 9.90
N SER A 240 2.00 11.55 9.79
CA SER A 240 0.82 11.25 9.01
C SER A 240 -0.21 10.60 9.94
N TYR A 241 -1.46 11.05 9.82
CA TYR A 241 -2.55 10.66 10.68
C TYR A 241 -3.75 10.31 9.80
N MET A 242 -4.48 9.26 10.14
CA MET A 242 -5.70 8.94 9.42
C MET A 242 -6.74 8.32 10.39
N LEU A 243 -7.99 8.69 10.19
CA LEU A 243 -9.12 8.03 10.83
C LEU A 243 -10.20 7.79 9.83
N GLY A 244 -10.78 6.60 9.83
CA GLY A 244 -11.80 6.27 8.86
C GLY A 244 -12.90 5.40 9.41
N ALA A 245 -14.02 5.39 8.69
CA ALA A 245 -15.09 4.46 9.01
C ALA A 245 -15.72 3.91 7.74
N SER A 246 -16.17 2.66 7.83
CA SER A 246 -16.92 2.06 6.74
C SER A 246 -18.16 1.38 7.28
N ALA A 247 -19.17 1.22 6.43
CA ALA A 247 -20.40 0.52 6.84
C ALA A 247 -21.06 -0.15 5.65
N PRO A 248 -21.59 -1.36 5.83
CA PRO A 248 -22.45 -1.93 4.80
C PRO A 248 -23.74 -1.13 4.65
N VAL A 249 -24.23 -1.04 3.42
CA VAL A 249 -25.43 -0.30 3.06
C VAL A 249 -26.27 -1.23 2.22
N GLY A 250 -27.46 -1.59 2.71
CA GLY A 250 -28.41 -2.37 1.95
C GLY A 250 -28.00 -3.73 1.45
N GLY A 251 -27.13 -4.44 2.13
CA GLY A 251 -26.68 -5.64 1.45
C GLY A 251 -26.12 -5.27 0.05
N VAL A 252 -24.98 -5.75 -0.33
CA VAL A 252 -24.48 -5.43 -1.65
C VAL A 252 -23.73 -4.08 -1.68
N GLY A 253 -24.06 -3.11 -0.84
CA GLY A 253 -23.36 -1.81 -0.80
C GLY A 253 -22.44 -1.61 0.38
N GLU A 254 -21.53 -0.65 0.25
CA GLU A 254 -20.62 -0.27 1.31
C GLU A 254 -20.26 1.19 1.13
N VAL A 255 -20.34 1.95 2.22
CA VAL A 255 -19.88 3.31 2.22
C VAL A 255 -18.61 3.45 3.11
N LYS A 256 -17.70 4.31 2.68
CA LYS A 256 -16.43 4.54 3.36
C LYS A 256 -16.16 6.04 3.43
N LEU A 257 -15.55 6.47 4.52
CA LEU A 257 -15.17 7.87 4.76
C LEU A 257 -13.85 7.86 5.49
N GLN A 258 -12.89 8.60 4.99
CA GLN A 258 -11.59 8.68 5.60
C GLN A 258 -11.09 10.10 5.62
N TYR A 259 -10.47 10.47 6.74
CA TYR A 259 -9.84 11.78 6.92
C TYR A 259 -8.38 11.56 7.21
N ALA A 260 -7.52 12.34 6.59
CA ALA A 260 -6.09 12.24 6.83
C ALA A 260 -5.43 13.61 6.95
N LEU A 261 -4.32 13.64 7.66
CA LEU A 261 -3.51 14.83 7.83
C LEU A 261 -2.05 14.46 7.67
N TYR A 262 -1.34 15.23 6.86
CA TYR A 262 0.08 15.04 6.61
C TYR A 262 0.83 16.30 7.02
N ASP A 263 1.65 16.15 8.05
CA ASP A 263 2.38 17.29 8.65
C ASP A 263 3.84 17.16 8.25
N GLN A 264 4.19 17.95 7.25
CA GLN A 264 5.47 17.89 6.56
C GLN A 264 6.39 18.91 7.19
N LYS A 265 7.17 18.45 8.14
CA LYS A 265 7.95 19.36 8.99
C LYS A 265 9.05 20.10 8.26
N ALA A 266 9.62 19.50 7.22
CA ALA A 266 10.73 20.11 6.51
C ALA A 266 10.33 21.35 5.77
N ILE A 267 9.06 21.47 5.39
CA ILE A 267 8.53 22.66 4.73
C ILE A 267 7.52 23.38 5.59
N ASP A 268 7.44 22.98 6.86
CA ASP A 268 6.49 23.53 7.87
C ASP A 268 5.08 23.69 7.30
N SER A 269 4.58 22.64 6.65
CA SER A 269 3.29 22.71 6.01
C SER A 269 2.47 21.47 6.23
N LYS A 270 1.17 21.65 6.34
CA LYS A 270 0.21 20.57 6.46
C LYS A 270 -0.64 20.42 5.19
N ALA A 271 -1.10 19.20 4.97
CA ALA A 271 -2.18 18.91 4.01
C ALA A 271 -3.23 18.06 4.72
N HIS A 272 -4.49 18.28 4.37
CA HIS A 272 -5.62 17.56 4.94
C HIS A 272 -6.39 16.94 3.79
N GLN A 273 -6.92 15.75 4.01
CA GLN A 273 -7.67 15.04 2.97
C GLN A 273 -8.93 14.42 3.54
N ILE A 274 -10.02 14.48 2.77
CA ILE A 274 -11.27 13.82 3.10
C ILE A 274 -11.71 13.06 1.87
N THR A 275 -12.02 11.78 2.03
CA THR A 275 -12.46 10.94 0.91
C THR A 275 -13.71 10.16 1.26
N LEU A 276 -14.68 10.19 0.36
CA LEU A 276 -15.90 9.43 0.47
C LEU A 276 -15.88 8.37 -0.65
N GLY A 277 -16.24 7.15 -0.33
CA GLY A 277 -16.26 6.05 -1.28
C GLY A 277 -17.53 5.25 -1.15
N TYR A 278 -17.97 4.71 -2.27
CA TYR A 278 -19.07 3.76 -2.30
C TYR A 278 -18.67 2.58 -3.18
N VAL A 279 -19.00 1.37 -2.73
CA VAL A 279 -18.82 0.16 -3.50
C VAL A 279 -20.15 -0.55 -3.60
N HIS A 280 -20.55 -0.87 -4.83
CA HIS A 280 -21.78 -1.62 -5.09
C HIS A 280 -21.45 -2.95 -5.72
N ASN A 281 -21.65 -4.02 -4.95
CA ASN A 281 -21.33 -5.35 -5.47
C ASN A 281 -22.42 -5.93 -6.36
N LEU A 282 -22.08 -6.22 -7.59
CA LEU A 282 -22.95 -6.97 -8.49
C LEU A 282 -22.84 -8.46 -8.24
N SER A 283 -21.68 -8.88 -7.77
CA SER A 283 -21.41 -10.25 -7.34
C SER A 283 -20.24 -10.19 -6.38
N LYS A 284 -19.83 -11.35 -5.87
CA LYS A 284 -18.65 -11.43 -5.06
C LYS A 284 -17.42 -11.00 -5.88
N ARG A 285 -17.42 -11.24 -7.18
CA ARG A 285 -16.27 -10.89 -8.02
C ARG A 285 -16.32 -9.51 -8.65
N THR A 286 -17.49 -8.92 -8.83
CA THR A 286 -17.65 -7.72 -9.65
C THR A 286 -18.33 -6.63 -8.89
N ALA A 287 -17.71 -5.45 -8.85
CA ALA A 287 -18.25 -4.29 -8.14
C ALA A 287 -18.13 -3.04 -9.00
N LEU A 288 -19.09 -2.16 -8.86
CA LEU A 288 -19.00 -0.82 -9.37
C LEU A 288 -18.65 0.06 -8.18
N TYR A 289 -17.87 1.11 -8.39
CA TYR A 289 -17.45 1.93 -7.27
C TYR A 289 -17.30 3.39 -7.67
N GLY A 290 -17.33 4.24 -6.65
CA GLY A 290 -17.06 5.65 -6.86
C GLY A 290 -16.28 6.19 -5.68
N ASN A 291 -15.33 7.04 -5.97
CA ASN A 291 -14.54 7.74 -4.95
C ASN A 291 -14.62 9.22 -5.21
N LEU A 292 -14.74 10.00 -4.14
CA LEU A 292 -14.73 11.47 -4.21
C LEU A 292 -13.78 11.97 -3.13
N ALA A 293 -12.77 12.72 -3.51
CA ALA A 293 -11.77 13.20 -2.58
C ALA A 293 -11.51 14.68 -2.69
N PHE A 294 -11.14 15.26 -1.55
CA PHE A 294 -10.79 16.69 -1.45
C PHE A 294 -9.51 16.78 -0.64
N LEU A 295 -8.47 17.34 -1.25
CA LEU A 295 -7.16 17.46 -0.65
C LEU A 295 -6.84 18.93 -0.53
N LYS A 296 -6.61 19.38 0.70
CA LYS A 296 -6.28 20.79 0.95
C LYS A 296 -4.86 20.92 1.37
N ASN A 297 -4.03 21.49 0.51
CA ASN A 297 -2.66 21.86 0.86
C ASN A 297 -2.62 23.23 1.54
N LYS A 298 -1.81 23.36 2.56
CA LYS A 298 -1.56 24.68 3.18
C LYS A 298 -0.13 25.07 2.91
N ASP A 299 0.15 26.38 2.84
CA ASP A 299 1.50 26.88 2.73
C ASP A 299 2.27 26.33 1.54
N ALA A 300 3.39 25.66 1.80
CA ALA A 300 4.26 25.19 0.75
C ALA A 300 3.89 23.77 0.30
N SER A 301 2.88 23.16 0.91
CA SER A 301 2.54 21.77 0.52
C SER A 301 1.97 21.70 -0.90
N THR A 302 2.32 20.66 -1.64
CA THR A 302 1.99 20.50 -3.06
C THR A 302 1.48 19.11 -3.39
N LEU A 303 0.96 18.41 -2.39
CA LEU A 303 0.48 17.04 -2.57
C LEU A 303 -0.71 16.95 -3.53
N GLY A 304 -0.72 15.90 -4.33
CA GLY A 304 -1.80 15.64 -5.27
C GLY A 304 -2.43 14.27 -5.05
N LEU A 305 -3.71 14.18 -5.40
CA LEU A 305 -4.45 12.93 -5.39
C LEU A 305 -3.91 11.96 -6.43
N GLN A 306 -4.02 10.68 -6.09
CA GLN A 306 -3.39 9.64 -6.90
C GLN A 306 -4.41 8.99 -7.84
N ALA A 307 -4.78 9.71 -8.91
CA ALA A 307 -5.68 9.15 -9.93
C ALA A 307 -4.84 8.37 -10.96
N LYS A 308 -4.53 7.13 -10.61
CA LYS A 308 -3.60 6.35 -11.39
C LYS A 308 -4.12 6.23 -12.83
N GLY A 309 -3.26 6.51 -13.77
CA GLY A 309 -3.59 6.46 -15.18
C GLY A 309 -4.21 7.71 -15.74
N VAL A 310 -4.45 8.72 -14.91
CA VAL A 310 -5.00 10.00 -15.38
C VAL A 310 -4.07 11.12 -14.95
N TYR A 311 -3.93 11.30 -13.63
CA TYR A 311 -2.97 12.28 -13.09
C TYR A 311 -2.67 11.96 -11.65
N ALA A 312 -1.39 11.81 -11.33
CA ALA A 312 -0.95 11.51 -9.97
C ALA A 312 0.22 12.38 -9.54
N GLY A 313 0.39 13.52 -10.21
CA GLY A 313 1.43 14.48 -9.86
C GLY A 313 0.98 15.42 -8.76
N GLY A 314 1.80 16.43 -8.52
CA GLY A 314 1.49 17.44 -7.55
C GLY A 314 0.60 18.54 -8.04
N VAL A 315 0.34 19.48 -7.14
CA VAL A 315 -0.38 20.68 -7.48
C VAL A 315 0.43 21.88 -7.02
N GLN A 316 0.02 23.08 -7.42
CA GLN A 316 0.70 24.31 -6.94
C GLN A 316 0.59 24.46 -5.44
N ALA A 317 1.62 25.06 -4.85
CA ALA A 317 1.70 25.21 -3.41
C ALA A 317 0.43 25.85 -2.85
N GLY A 318 -0.08 25.23 -1.80
CA GLY A 318 -1.23 25.73 -1.07
C GLY A 318 -2.56 25.58 -1.76
N GLU A 319 -2.62 24.80 -2.85
CA GLU A 319 -3.87 24.65 -3.60
C GLU A 319 -4.66 23.50 -3.05
N SER A 320 -5.97 23.59 -3.18
CA SER A 320 -6.85 22.49 -2.91
C SER A 320 -7.19 21.80 -4.22
N GLN A 321 -7.36 20.50 -4.13
CA GLN A 321 -7.64 19.69 -5.30
C GLN A 321 -8.79 18.75 -5.00
N THR A 322 -9.68 18.63 -5.99
CA THR A 322 -10.80 17.74 -5.92
C THR A 322 -10.60 16.65 -6.99
N GLY A 323 -10.94 15.42 -6.63
CA GLY A 323 -10.86 14.30 -7.56
C GLY A 323 -12.04 13.37 -7.46
N VAL A 324 -12.31 12.71 -8.57
CA VAL A 324 -13.39 11.72 -8.65
C VAL A 324 -12.91 10.52 -9.48
N GLN A 325 -13.28 9.33 -9.05
CA GLN A 325 -13.10 8.13 -9.84
C GLN A 325 -14.40 7.36 -9.81
N VAL A 326 -14.81 6.85 -10.96
CA VAL A 326 -15.96 5.94 -11.07
C VAL A 326 -15.52 4.77 -11.94
N GLY A 327 -15.72 3.55 -11.47
CA GLY A 327 -15.24 2.42 -12.22
C GLY A 327 -15.85 1.08 -11.87
N ILE A 328 -15.21 0.06 -12.42
CA ILE A 328 -15.61 -1.30 -12.23
C ILE A 328 -14.37 -2.09 -11.83
N ARG A 329 -14.56 -2.97 -10.86
CA ARG A 329 -13.53 -3.87 -10.38
C ARG A 329 -14.05 -5.29 -10.62
N HIS A 330 -13.28 -6.08 -11.38
CA HIS A 330 -13.59 -7.46 -11.66
C HIS A 330 -12.48 -8.39 -11.28
N ALA A 331 -12.73 -9.24 -10.30
CA ALA A 331 -11.74 -10.23 -9.85
C ALA A 331 -12.00 -11.51 -10.58
N PHE A 332 -10.93 -12.27 -10.83
CA PHE A 332 -11.00 -13.58 -11.43
C PHE A 332 -10.00 -14.51 -10.75
N ASP B 1 -2.34 -31.56 -11.02
CA ASP B 1 -3.24 -30.44 -10.62
C ASP B 1 -3.76 -29.72 -11.87
N ASN B 2 -5.01 -29.27 -11.81
CA ASN B 2 -5.52 -28.34 -12.81
C ASN B 2 -5.59 -26.95 -12.22
N TRP B 3 -5.24 -25.98 -13.06
CA TRP B 3 -5.19 -24.58 -12.67
C TRP B 3 -6.62 -24.04 -12.38
N GLN B 4 -6.76 -23.46 -11.20
CA GLN B 4 -8.04 -22.92 -10.74
C GLN B 4 -8.01 -21.41 -10.80
N ASN B 5 -9.19 -20.80 -10.82
CA ASN B 5 -9.30 -19.36 -10.68
C ASN B 5 -9.28 -18.93 -9.22
N GLY B 6 -9.29 -17.62 -9.05
CA GLY B 6 -9.04 -16.94 -7.79
C GLY B 6 -10.02 -17.31 -6.73
N THR B 7 -11.25 -17.68 -7.12
CA THR B 7 -12.29 -17.96 -6.17
C THR B 7 -12.44 -19.45 -5.97
N SER B 8 -11.58 -20.24 -6.63
CA SER B 8 -11.53 -21.68 -6.48
C SER B 8 -12.83 -22.27 -7.01
CA CA C . -5.08 6.69 -18.87
CA CA D . 7.58 -7.38 -20.06
CA CA E . 4.96 -17.79 -1.49
S SO4 F . -13.86 -3.20 -0.61
O1 SO4 F . -15.02 -3.75 -1.34
O2 SO4 F . -14.27 -2.13 0.33
O3 SO4 F . -13.22 -4.32 0.10
O4 SO4 F . -12.90 -2.61 -1.54
S SO4 G . -5.58 -5.93 -1.75
O1 SO4 G . -6.72 -5.50 -2.58
O2 SO4 G . -5.80 -5.66 -0.33
O3 SO4 G . -5.26 -7.35 -1.98
O4 SO4 G . -4.43 -5.14 -2.21
#